data_2OCZ
#
_entry.id   2OCZ
#
_cell.length_a   81.688
_cell.length_b   81.688
_cell.length_c   85.364
_cell.angle_alpha   90.00
_cell.angle_beta   90.00
_cell.angle_gamma   90.00
#
_symmetry.space_group_name_H-M   'P 43 21 2'
#
loop_
_entity.id
_entity.type
_entity.pdbx_description
1 polymer '3-dehydroquinate dehydratase'
2 non-polymer 'MAGNESIUM ION'
3 non-polymer 1,2-ETHANEDIOL
4 water water
#
_entity_poly.entity_id   1
_entity_poly.type   'polypeptide(L)'
_entity_poly.pdbx_seq_one_letter_code
;SNA(MSE)RIVAPV(MSE)PRHFDEAQAIDISKYEDVNLIEWRADFLPKDEIVAVAPAIFEKFAGKEIIFTLRTVQEGGN
ITLSSQEYVDIIKEINAIYNPDYIDFEYFTHKSVFQE(MSE)LDFPNLILSYHNFEETPENL(MSE)EAFSE(MSE)TKL
APRVVKIAV(MSE)PQSEQDVLDL(MSE)NYTRGFKTLNPEQEFATIS(MSE)GKLGRLSRFAGDVIGSSWTYVSLDHVS
GPGQVTLND(MSE)KRIIEVLE(MSE)DISN
;
_entity_poly.pdbx_strand_id   A
#
loop_
_chem_comp.id
_chem_comp.type
_chem_comp.name
_chem_comp.formula
EDO non-polymer 1,2-ETHANEDIOL 'C2 H6 O2'
MG non-polymer 'MAGNESIUM ION' 'Mg 2'
#
# COMPACT_ATOMS: atom_id res chain seq x y z
N ALA A 3 6.32 -1.91 15.91
CA ALA A 3 5.73 -0.55 15.96
C ALA A 3 5.34 -0.05 14.56
N MSE A 4 4.79 1.15 14.51
CA MSE A 4 4.35 1.78 13.28
C MSE A 4 5.47 2.01 12.26
O MSE A 4 6.57 2.42 12.62
CB MSE A 4 3.69 3.10 13.63
CG MSE A 4 3.28 3.91 12.42
SE MSE A 4 2.77 5.71 12.96
CE MSE A 4 4.37 6.17 14.03
N ARG A 5 5.19 1.71 11.01
CA ARG A 5 6.10 2.03 9.90
C ARG A 5 5.45 3.01 8.94
N ILE A 6 6.15 4.11 8.69
CA ILE A 6 5.67 5.13 7.78
C ILE A 6 6.09 4.76 6.35
N VAL A 7 5.13 4.78 5.42
CA VAL A 7 5.37 4.50 4.02
C VAL A 7 5.14 5.79 3.28
N ALA A 8 6.19 6.30 2.63
CA ALA A 8 6.07 7.48 1.78
C ALA A 8 6.17 7.13 0.28
N PRO A 9 5.26 7.69 -0.55
CA PRO A 9 5.24 7.45 -1.99
C PRO A 9 6.25 8.27 -2.80
N VAL A 10 6.78 7.67 -3.85
CA VAL A 10 7.56 8.37 -4.84
C VAL A 10 6.81 8.16 -6.15
N MSE A 11 6.52 9.24 -6.88
CA MSE A 11 5.71 9.11 -8.08
C MSE A 11 6.14 9.96 -9.29
O MSE A 11 5.34 10.75 -9.79
CB MSE A 11 4.24 9.40 -7.75
CG MSE A 11 4.03 10.71 -7.02
SE MSE A 11 3.47 10.39 -5.19
CE MSE A 11 1.58 10.05 -5.47
N PRO A 12 7.39 9.76 -9.76
CA PRO A 12 7.82 10.53 -10.92
C PRO A 12 7.04 10.12 -12.17
N ARG A 13 6.82 11.09 -13.05
CA ARG A 13 6.07 10.88 -14.28
C ARG A 13 6.98 10.68 -15.49
N HIS A 14 8.28 10.91 -15.29
CA HIS A 14 9.30 10.61 -16.30
C HIS A 14 10.68 10.45 -15.67
N PHE A 15 11.67 10.08 -16.52
CA PHE A 15 13.04 9.85 -16.10
C PHE A 15 13.75 11.10 -15.54
N ASP A 16 13.68 12.23 -16.26
CA ASP A 16 14.35 13.46 -15.80
C ASP A 16 13.91 13.85 -14.40
N GLU A 17 12.57 13.64 -14.16
CA GLU A 17 11.93 13.83 -12.85
C GLU A 17 12.45 12.86 -11.77
N ALA A 18 12.44 11.55 -12.07
CA ALA A 18 12.94 10.53 -11.14
C ALA A 18 14.39 10.80 -10.71
N GLN A 19 15.22 11.09 -11.70
CA GLN A 19 16.62 11.42 -11.49
C GLN A 19 16.79 12.61 -10.56
N ALA A 20 15.84 13.55 -10.66
CA ALA A 20 15.90 14.86 -10.02
C ALA A 20 15.37 14.89 -8.59
N ILE A 21 14.84 13.75 -8.14
CA ILE A 21 14.22 13.65 -6.82
C ILE A 21 15.23 14.03 -5.72
N ASP A 22 14.72 14.76 -4.71
CA ASP A 22 15.50 15.11 -3.53
C ASP A 22 15.31 14.10 -2.39
N ILE A 23 16.32 13.27 -2.14
CA ILE A 23 16.21 12.23 -1.10
C ILE A 23 16.09 12.76 0.32
N SER A 24 16.61 13.96 0.55
CA SER A 24 16.53 14.60 1.87
C SER A 24 15.07 14.77 2.33
N LYS A 25 14.14 14.82 1.38
CA LYS A 25 12.71 14.87 1.68
C LYS A 25 12.20 13.64 2.43
N TYR A 26 12.95 12.54 2.33
CA TYR A 26 12.54 11.24 2.86
C TYR A 26 13.37 10.84 4.09
N GLU A 27 14.10 11.80 4.68
CA GLU A 27 15.03 11.48 5.77
C GLU A 27 14.37 10.80 6.98
N ASP A 28 13.14 11.15 7.30
CA ASP A 28 12.47 10.54 8.45
C ASP A 28 11.83 9.18 8.16
N VAL A 29 12.04 8.67 6.95
CA VAL A 29 11.29 7.51 6.43
C VAL A 29 12.29 6.45 5.96
N ASN A 30 12.03 5.19 6.32
N ASN A 30 12.07 5.19 6.32
CA ASN A 30 12.88 4.07 5.90
CA ASN A 30 12.94 4.13 5.78
C ASN A 30 12.16 3.08 4.98
C ASN A 30 12.23 3.18 4.83
N LEU A 31 10.93 3.45 4.59
CA LEU A 31 10.11 2.65 3.70
C LEU A 31 9.48 3.49 2.58
N ILE A 32 9.89 3.21 1.34
CA ILE A 32 9.52 3.99 0.18
C ILE A 32 8.61 3.22 -0.76
N GLU A 33 7.52 3.84 -1.20
CA GLU A 33 6.63 3.15 -2.14
C GLU A 33 6.78 3.79 -3.51
N TRP A 34 7.32 3.03 -4.45
CA TRP A 34 7.44 3.55 -5.80
C TRP A 34 6.10 3.28 -6.51
N ARG A 35 5.35 4.35 -6.74
CA ARG A 35 4.09 4.28 -7.47
C ARG A 35 4.40 4.32 -8.96
N ALA A 36 4.71 3.15 -9.51
CA ALA A 36 5.15 3.03 -10.92
C ALA A 36 4.02 3.34 -11.93
N ASP A 37 2.78 3.31 -11.45
CA ASP A 37 1.63 3.65 -12.32
C ASP A 37 1.55 5.10 -12.83
N PHE A 38 2.39 5.98 -12.29
CA PHE A 38 2.48 7.38 -12.74
C PHE A 38 3.29 7.52 -14.03
N LEU A 39 3.86 6.40 -14.46
CA LEU A 39 4.66 6.33 -15.70
C LEU A 39 3.90 5.61 -16.80
N PRO A 40 4.17 5.95 -18.08
CA PRO A 40 3.64 5.14 -19.16
C PRO A 40 4.21 3.74 -19.03
N LYS A 41 3.46 2.73 -19.46
CA LYS A 41 3.94 1.38 -19.27
C LYS A 41 5.32 1.12 -19.84
N ASP A 42 5.64 1.76 -20.97
CA ASP A 42 6.91 1.51 -21.65
CA ASP A 42 6.91 1.52 -21.66
C ASP A 42 8.11 2.24 -21.04
N GLU A 43 7.91 2.98 -19.96
CA GLU A 43 8.99 3.73 -19.32
C GLU A 43 9.30 3.24 -17.90
N ILE A 44 8.48 2.31 -17.40
CA ILE A 44 8.64 1.82 -16.02
C ILE A 44 10.02 1.17 -15.82
N VAL A 45 10.37 0.24 -16.69
CA VAL A 45 11.65 -0.46 -16.54
C VAL A 45 12.83 0.50 -16.76
N ALA A 46 12.68 1.44 -17.69
CA ALA A 46 13.73 2.46 -17.93
C ALA A 46 13.95 3.33 -16.71
N VAL A 47 12.88 3.60 -15.96
CA VAL A 47 12.96 4.50 -14.82
C VAL A 47 13.47 3.79 -13.55
N ALA A 48 13.32 2.45 -13.48
CA ALA A 48 13.70 1.68 -12.28
C ALA A 48 15.12 1.92 -11.74
N PRO A 49 16.15 1.96 -12.62
CA PRO A 49 17.51 2.16 -12.06
C PRO A 49 17.62 3.41 -11.21
N ALA A 50 16.97 4.48 -11.64
CA ALA A 50 17.01 5.75 -10.93
C ALA A 50 16.39 5.61 -9.55
N ILE A 51 15.26 4.89 -9.48
CA ILE A 51 14.55 4.69 -8.22
C ILE A 51 15.40 3.82 -7.30
N PHE A 52 15.85 2.68 -7.80
CA PHE A 52 16.64 1.78 -6.94
C PHE A 52 17.98 2.33 -6.54
N GLU A 53 18.62 3.14 -7.40
CA GLU A 53 19.90 3.73 -7.04
C GLU A 53 19.70 4.82 -5.98
N LYS A 54 18.68 5.67 -6.18
CA LYS A 54 18.43 6.83 -5.28
C LYS A 54 18.09 6.39 -3.86
N PHE A 55 17.23 5.38 -3.77
CA PHE A 55 16.70 4.91 -2.50
C PHE A 55 17.38 3.64 -1.96
N ALA A 56 18.61 3.39 -2.43
CA ALA A 56 19.40 2.22 -2.02
C ALA A 56 19.53 2.12 -0.51
N GLY A 57 19.54 3.24 0.19
CA GLY A 57 19.52 3.19 1.65
C GLY A 57 18.22 2.78 2.35
N LYS A 58 17.13 2.62 1.61
CA LYS A 58 15.81 2.37 2.24
C LYS A 58 15.22 1.08 1.71
N GLU A 59 14.17 0.59 2.36
CA GLU A 59 13.44 -0.49 1.76
C GLU A 59 12.43 0.08 0.78
N ILE A 60 12.24 -0.64 -0.31
CA ILE A 60 11.45 -0.16 -1.44
C ILE A 60 10.29 -1.09 -1.77
N ILE A 61 9.10 -0.51 -1.88
CA ILE A 61 7.92 -1.24 -2.33
C ILE A 61 7.67 -0.93 -3.80
N PHE A 62 7.49 -1.97 -4.63
CA PHE A 62 7.10 -1.73 -6.01
C PHE A 62 5.56 -1.81 -6.11
N THR A 63 4.95 -0.69 -6.47
CA THR A 63 3.48 -0.67 -6.57
C THR A 63 3.03 -0.19 -7.92
N LEU A 64 2.38 -1.08 -8.66
CA LEU A 64 1.76 -0.74 -9.90
C LEU A 64 0.25 -0.67 -9.58
N ARG A 65 -0.21 0.52 -9.20
CA ARG A 65 -1.60 0.72 -8.81
C ARG A 65 -2.42 0.93 -10.07
N THR A 66 -3.35 0.01 -10.34
CA THR A 66 -4.06 0.00 -11.62
C THR A 66 -5.41 0.69 -11.49
N VAL A 67 -5.99 1.05 -12.64
CA VAL A 67 -7.15 1.94 -12.68
C VAL A 67 -8.32 1.48 -11.79
N GLN A 68 -8.66 0.19 -11.82
CA GLN A 68 -9.80 -0.32 -11.02
C GLN A 68 -9.57 -0.21 -9.50
N GLU A 69 -8.31 -0.03 -9.09
CA GLU A 69 -7.94 0.13 -7.68
C GLU A 69 -7.58 1.60 -7.36
N GLY A 70 -7.87 2.51 -8.29
CA GLY A 70 -7.70 3.94 -8.06
C GLY A 70 -6.38 4.47 -8.55
N GLY A 71 -5.67 3.67 -9.36
CA GLY A 71 -4.35 4.04 -9.85
C GLY A 71 -4.35 4.72 -11.20
N ASN A 72 -3.16 5.00 -11.73
CA ASN A 72 -3.03 5.83 -12.93
C ASN A 72 -2.61 5.07 -14.19
N ILE A 73 -2.71 3.75 -14.16
CA ILE A 73 -2.38 2.97 -15.32
C ILE A 73 -3.47 1.93 -15.55
N THR A 74 -3.68 1.63 -16.83
CA THR A 74 -4.68 0.68 -17.28
C THR A 74 -3.92 -0.50 -17.87
N LEU A 75 -4.02 -1.65 -17.21
CA LEU A 75 -3.31 -2.85 -17.66
C LEU A 75 -4.19 -4.08 -17.59
N SER A 76 -4.02 -5.00 -18.55
CA SER A 76 -4.55 -6.36 -18.38
C SER A 76 -3.83 -7.06 -17.21
N SER A 77 -4.45 -8.05 -16.59
CA SER A 77 -3.76 -8.79 -15.52
C SER A 77 -2.46 -9.41 -16.01
N GLN A 78 -2.43 -9.86 -17.28
CA GLN A 78 -1.19 -10.38 -17.88
C GLN A 78 -0.09 -9.33 -17.98
N GLU A 79 -0.40 -8.15 -18.51
CA GLU A 79 0.60 -7.07 -18.59
C GLU A 79 1.10 -6.74 -17.19
N TYR A 80 0.16 -6.71 -16.25
CA TYR A 80 0.40 -6.36 -14.86
C TYR A 80 1.43 -7.30 -14.28
N VAL A 81 1.18 -8.61 -14.34
CA VAL A 81 2.13 -9.57 -13.75
C VAL A 81 3.46 -9.59 -14.52
N ASP A 82 3.42 -9.45 -15.83
CA ASP A 82 4.64 -9.42 -16.60
C ASP A 82 5.56 -8.25 -16.16
N ILE A 83 4.99 -7.06 -15.97
CA ILE A 83 5.80 -5.92 -15.55
C ILE A 83 6.38 -6.17 -14.15
N ILE A 84 5.54 -6.62 -13.22
CA ILE A 84 5.99 -6.94 -11.86
C ILE A 84 7.17 -7.94 -11.90
N LYS A 85 7.04 -9.00 -12.70
CA LYS A 85 8.07 -10.04 -12.71
C LYS A 85 9.36 -9.55 -13.36
N GLU A 86 9.26 -8.70 -14.38
CA GLU A 86 10.48 -8.15 -14.98
C GLU A 86 11.22 -7.24 -14.00
N ILE A 87 10.48 -6.36 -13.32
CA ILE A 87 11.09 -5.48 -12.33
C ILE A 87 11.70 -6.35 -11.22
N ASN A 88 10.96 -7.36 -10.79
CA ASN A 88 11.47 -8.23 -9.73
C ASN A 88 12.76 -8.92 -10.16
N ALA A 89 12.75 -9.51 -11.37
CA ALA A 89 13.93 -10.28 -11.83
C ALA A 89 15.21 -9.43 -11.85
N ILE A 90 15.07 -8.15 -12.20
CA ILE A 90 16.24 -7.28 -12.31
C ILE A 90 16.60 -6.58 -10.99
N TYR A 91 15.59 -6.06 -10.28
CA TYR A 91 15.80 -5.05 -9.21
C TYR A 91 15.60 -5.55 -7.77
N ASN A 92 14.93 -6.68 -7.59
CA ASN A 92 14.74 -7.23 -6.27
C ASN A 92 14.14 -6.21 -5.27
N PRO A 93 12.96 -5.67 -5.59
CA PRO A 93 12.31 -4.77 -4.62
C PRO A 93 12.08 -5.48 -3.31
N ASP A 94 12.18 -4.75 -2.20
CA ASP A 94 11.94 -5.40 -0.91
C ASP A 94 10.51 -5.94 -0.77
N TYR A 95 9.51 -5.23 -1.31
CA TYR A 95 8.13 -5.68 -1.27
C TYR A 95 7.48 -5.39 -2.59
N ILE A 96 6.45 -6.17 -2.89
CA ILE A 96 5.68 -6.02 -4.10
C ILE A 96 4.21 -5.96 -3.75
N ASP A 97 3.56 -4.88 -4.19
CA ASP A 97 2.10 -4.78 -4.06
C ASP A 97 1.40 -5.63 -5.11
N PHE A 98 0.41 -6.42 -4.69
CA PHE A 98 -0.41 -7.21 -5.60
C PHE A 98 -1.88 -7.01 -5.29
N GLU A 99 -2.64 -6.50 -6.28
CA GLU A 99 -4.07 -6.19 -6.14
C GLU A 99 -4.84 -7.51 -6.23
N TYR A 100 -5.00 -8.14 -5.06
CA TYR A 100 -5.41 -9.53 -4.96
C TYR A 100 -6.74 -9.83 -5.66
N PHE A 101 -7.76 -8.99 -5.42
CA PHE A 101 -9.06 -9.21 -6.02
C PHE A 101 -9.10 -8.81 -7.47
N THR A 102 -8.58 -7.64 -7.82
CA THR A 102 -8.64 -7.18 -9.20
C THR A 102 -7.89 -8.11 -10.17
N HIS A 103 -6.72 -8.58 -9.74
CA HIS A 103 -5.88 -9.37 -10.63
C HIS A 103 -5.75 -10.81 -10.14
N LYS A 104 -6.82 -11.33 -9.55
CA LYS A 104 -6.81 -12.69 -9.01
C LYS A 104 -6.49 -13.77 -10.05
N SER A 105 -6.87 -13.53 -11.31
CA SER A 105 -6.65 -14.48 -12.40
C SER A 105 -5.16 -14.83 -12.61
N VAL A 106 -4.27 -13.95 -12.20
CA VAL A 106 -2.84 -14.18 -12.34
C VAL A 106 -2.11 -14.35 -11.00
N PHE A 107 -2.87 -14.45 -9.91
CA PHE A 107 -2.27 -14.60 -8.59
C PHE A 107 -1.45 -15.91 -8.47
N GLN A 108 -1.86 -16.95 -9.19
CA GLN A 108 -1.11 -18.22 -9.19
C GLN A 108 0.34 -18.02 -9.62
N GLU A 109 0.59 -17.00 -10.44
CA GLU A 109 1.94 -16.67 -10.90
C GLU A 109 2.81 -16.07 -9.78
N MSE A 110 2.16 -15.62 -8.71
CA MSE A 110 2.83 -14.90 -7.62
C MSE A 110 2.93 -15.71 -6.32
O MSE A 110 3.38 -15.20 -5.29
CB MSE A 110 2.07 -13.60 -7.34
CG MSE A 110 2.00 -12.65 -8.53
SE MSE A 110 3.72 -12.06 -9.12
CE MSE A 110 4.32 -11.08 -7.52
N LEU A 111 2.50 -16.98 -6.38
CA LEU A 111 2.31 -17.81 -5.19
C LEU A 111 3.55 -17.99 -4.31
N ASP A 112 4.70 -18.09 -4.94
CA ASP A 112 5.98 -18.34 -4.25
C ASP A 112 6.61 -17.08 -3.60
N PHE A 113 6.02 -15.89 -3.78
CA PHE A 113 6.66 -14.67 -3.26
C PHE A 113 6.39 -14.53 -1.76
N PRO A 114 7.45 -14.35 -0.94
CA PRO A 114 7.25 -14.20 0.52
C PRO A 114 7.10 -12.73 0.95
N ASN A 115 7.15 -11.82 -0.01
CA ASN A 115 7.23 -10.39 0.30
C ASN A 115 6.09 -9.58 -0.34
N LEU A 116 4.92 -10.19 -0.45
CA LEU A 116 3.80 -9.47 -1.06
C LEU A 116 3.04 -8.59 -0.07
N ILE A 117 2.62 -7.43 -0.56
CA ILE A 117 1.54 -6.65 0.06
C ILE A 117 0.28 -6.92 -0.75
N LEU A 118 -0.60 -7.76 -0.19
CA LEU A 118 -1.86 -8.10 -0.86
C LEU A 118 -2.76 -6.91 -0.59
N SER A 119 -3.25 -6.29 -1.64
CA SER A 119 -3.96 -5.06 -1.46
C SER A 119 -5.38 -5.08 -2.04
N TYR A 120 -6.24 -4.30 -1.41
CA TYR A 120 -7.63 -4.19 -1.84
C TYR A 120 -8.14 -2.77 -1.54
N HIS A 121 -8.69 -2.07 -2.54
CA HIS A 121 -9.18 -0.73 -2.33
C HIS A 121 -10.59 -0.69 -2.87
N ASN A 122 -11.53 -0.24 -2.05
CA ASN A 122 -12.89 -0.03 -2.48
C ASN A 122 -13.26 1.42 -2.22
N PHE A 123 -13.43 2.19 -3.30
CA PHE A 123 -13.77 3.60 -3.19
C PHE A 123 -15.27 3.88 -3.11
N GLU A 124 -16.09 2.84 -3.27
CA GLU A 124 -17.54 2.99 -3.29
C GLU A 124 -18.16 2.77 -1.91
N GLU A 125 -17.68 1.77 -1.17
CA GLU A 125 -18.39 1.38 0.03
C GLU A 125 -17.52 0.49 0.89
N THR A 126 -18.04 0.14 2.06
CA THR A 126 -17.40 -0.81 2.94
C THR A 126 -18.21 -2.11 2.77
N PRO A 127 -17.66 -3.08 1.98
CA PRO A 127 -18.56 -4.13 1.46
C PRO A 127 -19.08 -5.08 2.54
N GLU A 128 -20.25 -5.65 2.29
CA GLU A 128 -20.88 -6.56 3.24
C GLU A 128 -20.09 -7.84 3.51
N ASN A 129 -19.19 -8.21 2.60
CA ASN A 129 -18.34 -9.40 2.80
C ASN A 129 -16.91 -9.01 3.18
N LEU A 130 -16.77 -7.83 3.77
CA LEU A 130 -15.42 -7.41 4.20
C LEU A 130 -14.73 -8.45 5.13
N MSE A 131 -15.47 -9.11 6.04
CA MSE A 131 -14.83 -10.10 6.90
CA MSE A 131 -14.87 -10.11 6.91
CA MSE A 131 -14.85 -10.13 6.91
C MSE A 131 -14.24 -11.22 6.07
O MSE A 131 -13.13 -11.66 6.33
CB MSE A 131 -15.81 -10.65 7.94
CB MSE A 131 -15.92 -10.70 7.85
CB MSE A 131 -15.85 -10.75 7.90
CG MSE A 131 -15.19 -11.70 8.87
CG MSE A 131 -16.26 -9.79 9.02
CG MSE A 131 -15.23 -11.86 8.83
SE MSE A 131 -16.50 -12.36 10.15
SE MSE A 131 -14.76 -9.59 10.23
SE MSE A 131 -14.99 -13.69 8.09
CE MSE A 131 -16.91 -10.63 10.98
CE MSE A 131 -14.83 -11.35 11.07
CE MSE A 131 -14.31 -14.60 9.68
N GLU A 132 -14.99 -11.66 5.07
CA GLU A 132 -14.52 -12.71 4.15
C GLU A 132 -13.26 -12.27 3.38
N ALA A 133 -13.18 -11.01 2.98
CA ALA A 133 -12.00 -10.48 2.32
C ALA A 133 -10.80 -10.53 3.27
N PHE A 134 -10.97 -10.04 4.50
CA PHE A 134 -9.91 -10.16 5.53
C PHE A 134 -9.47 -11.61 5.70
N SER A 135 -10.43 -12.51 5.83
CA SER A 135 -10.13 -13.91 6.09
C SER A 135 -9.32 -14.50 4.93
N GLU A 136 -9.79 -14.30 3.70
CA GLU A 136 -9.11 -14.89 2.52
C GLU A 136 -7.67 -14.36 2.40
N MSE A 137 -7.50 -13.06 2.62
CA MSE A 137 -6.18 -12.42 2.49
C MSE A 137 -5.27 -12.88 3.62
O MSE A 137 -4.11 -13.24 3.37
CB MSE A 137 -6.32 -10.88 2.47
CG MSE A 137 -6.97 -10.41 1.19
SE MSE A 137 -7.51 -8.53 1.35
CE MSE A 137 -5.84 -7.70 0.72
N THR A 138 -5.80 -12.89 4.85
CA THR A 138 -5.01 -13.24 6.04
C THR A 138 -4.56 -14.73 6.01
N LYS A 139 -5.45 -15.61 5.55
CA LYS A 139 -5.12 -17.05 5.45
C LYS A 139 -3.99 -17.30 4.47
N LEU A 140 -3.80 -16.42 3.48
CA LEU A 140 -2.65 -16.53 2.60
C LEU A 140 -1.33 -16.15 3.28
N ALA A 141 -1.40 -15.45 4.42
CA ALA A 141 -0.25 -14.99 5.16
C ALA A 141 0.79 -14.31 4.26
N PRO A 142 0.38 -13.24 3.56
CA PRO A 142 1.34 -12.45 2.79
C PRO A 142 2.18 -11.64 3.77
N ARG A 143 3.17 -10.91 3.27
CA ARG A 143 3.93 -10.04 4.14
C ARG A 143 3.05 -8.94 4.77
N VAL A 144 2.12 -8.37 4.00
CA VAL A 144 1.20 -7.34 4.53
C VAL A 144 -0.18 -7.56 3.92
N VAL A 145 -1.21 -7.39 4.76
CA VAL A 145 -2.59 -7.33 4.25
C VAL A 145 -2.96 -5.86 4.25
N LYS A 146 -3.27 -5.31 3.07
CA LYS A 146 -3.57 -3.90 2.93
C LYS A 146 -4.98 -3.74 2.43
N ILE A 147 -5.83 -3.08 3.22
CA ILE A 147 -7.24 -2.91 2.87
C ILE A 147 -7.62 -1.45 3.09
N ALA A 148 -8.22 -0.80 2.08
CA ALA A 148 -8.70 0.58 2.21
C ALA A 148 -10.13 0.59 1.68
N VAL A 149 -11.08 1.02 2.52
CA VAL A 149 -12.51 0.96 2.13
C VAL A 149 -13.18 2.29 2.43
N MSE A 150 -14.18 2.66 1.61
CA MSE A 150 -14.88 3.92 1.78
C MSE A 150 -16.13 3.76 2.69
O MSE A 150 -17.04 2.98 2.35
CB MSE A 150 -15.34 4.40 0.40
CG MSE A 150 -16.06 5.75 0.43
SE MSE A 150 -14.77 7.20 0.86
CE MSE A 150 -13.54 7.02 -0.64
N PRO A 151 -16.20 4.49 3.79
CA PRO A 151 -17.35 4.38 4.68
C PRO A 151 -18.54 5.14 4.09
N GLN A 152 -19.74 4.62 4.31
CA GLN A 152 -20.94 5.36 3.99
C GLN A 152 -21.69 5.71 5.24
N SER A 153 -21.12 5.40 6.41
CA SER A 153 -21.71 5.81 7.68
C SER A 153 -20.60 5.75 8.72
N GLU A 154 -20.85 6.33 9.88
CA GLU A 154 -19.89 6.21 11.00
C GLU A 154 -19.65 4.74 11.41
N GLN A 155 -20.73 3.93 11.44
CA GLN A 155 -20.60 2.50 11.75
C GLN A 155 -19.65 1.76 10.79
N ASP A 156 -19.65 2.12 9.50
CA ASP A 156 -18.69 1.58 8.54
C ASP A 156 -17.23 1.79 8.98
N VAL A 157 -16.95 2.96 9.56
CA VAL A 157 -15.59 3.30 9.96
C VAL A 157 -15.22 2.35 11.12
N LEU A 158 -16.13 2.23 12.09
CA LEU A 158 -15.92 1.35 13.24
C LEU A 158 -15.81 -0.10 12.80
N ASP A 159 -16.57 -0.50 11.79
CA ASP A 159 -16.46 -1.90 11.31
C ASP A 159 -15.05 -2.24 10.81
N LEU A 160 -14.47 -1.32 10.02
CA LEU A 160 -13.14 -1.51 9.47
C LEU A 160 -12.18 -1.71 10.63
N MSE A 161 -12.30 -0.84 11.64
CA MSE A 161 -11.45 -0.87 12.82
C MSE A 161 -11.62 -2.19 13.59
O MSE A 161 -10.63 -2.80 13.96
CB MSE A 161 -11.76 0.36 13.69
CG MSE A 161 -11.33 1.62 12.96
SE MSE A 161 -11.91 3.24 13.91
CE MSE A 161 -11.08 2.90 15.67
N ASN A 162 -12.86 -2.63 13.79
CA ASN A 162 -13.10 -3.85 14.56
C ASN A 162 -12.64 -5.09 13.81
N TYR A 163 -12.83 -5.12 12.49
CA TYR A 163 -12.32 -6.26 11.69
C TYR A 163 -10.80 -6.36 11.82
N THR A 164 -10.09 -5.25 11.65
CA THR A 164 -8.63 -5.25 11.77
C THR A 164 -8.22 -5.81 13.14
N ARG A 165 -8.82 -5.31 14.21
CA ARG A 165 -8.49 -5.77 15.57
C ARG A 165 -8.70 -7.28 15.76
N GLY A 166 -9.84 -7.81 15.28
CA GLY A 166 -10.16 -9.24 15.44
C GLY A 166 -9.13 -10.10 14.69
N PHE A 167 -8.83 -9.71 13.45
CA PHE A 167 -7.87 -10.49 12.64
C PHE A 167 -6.44 -10.39 13.16
N LYS A 168 -6.07 -9.20 13.66
CA LYS A 168 -4.77 -9.03 14.30
C LYS A 168 -4.64 -9.89 15.55
N THR A 169 -5.66 -9.89 16.40
CA THR A 169 -5.60 -10.69 17.61
C THR A 169 -5.50 -12.19 17.28
N LEU A 170 -6.19 -12.64 16.24
CA LEU A 170 -6.13 -14.06 15.85
C LEU A 170 -4.81 -14.42 15.11
N ASN A 171 -4.17 -13.41 14.52
CA ASN A 171 -2.97 -13.57 13.70
C ASN A 171 -1.95 -12.49 14.08
N PRO A 172 -1.43 -12.55 15.31
CA PRO A 172 -0.62 -11.45 15.85
C PRO A 172 0.67 -11.22 15.06
N GLU A 173 1.12 -12.22 14.29
CA GLU A 173 2.35 -12.08 13.48
C GLU A 173 2.09 -11.49 12.12
N GLN A 174 0.83 -11.37 11.77
CA GLN A 174 0.45 -10.74 10.51
C GLN A 174 0.48 -9.21 10.60
N GLU A 175 1.20 -8.59 9.65
CA GLU A 175 1.25 -7.16 9.53
C GLU A 175 0.06 -6.70 8.68
N PHE A 176 -0.60 -5.63 9.13
CA PHE A 176 -1.79 -5.06 8.44
C PHE A 176 -1.57 -3.58 8.14
N ALA A 177 -2.21 -3.10 7.07
CA ALA A 177 -2.25 -1.68 6.73
C ALA A 177 -3.68 -1.44 6.32
N THR A 178 -4.52 -1.03 7.25
CA THR A 178 -5.96 -0.94 6.94
C THR A 178 -6.47 0.44 7.25
N ILE A 179 -7.32 1.01 6.39
CA ILE A 179 -7.88 2.33 6.68
C ILE A 179 -9.31 2.40 6.11
N SER A 180 -10.07 3.30 6.72
CA SER A 180 -11.36 3.73 6.25
C SER A 180 -11.09 5.09 5.62
N MSE A 181 -11.47 5.24 4.37
CA MSE A 181 -11.09 6.43 3.61
C MSE A 181 -12.03 7.62 3.81
O MSE A 181 -13.01 7.52 4.55
CB MSE A 181 -10.98 6.05 2.12
CG MSE A 181 -9.82 5.12 1.85
SE MSE A 181 -9.53 4.86 -0.07
CE MSE A 181 -11.27 5.23 -0.60
N GLY A 182 -11.70 8.75 3.17
CA GLY A 182 -12.54 9.94 3.23
C GLY A 182 -12.37 10.72 4.52
N LYS A 183 -13.02 11.87 4.55
CA LYS A 183 -13.11 12.66 5.77
C LYS A 183 -13.76 11.83 6.89
N LEU A 184 -14.87 11.17 6.57
CA LEU A 184 -15.55 10.31 7.52
C LEU A 184 -14.62 9.30 8.21
N GLY A 185 -13.77 8.64 7.44
CA GLY A 185 -12.92 7.56 7.94
C GLY A 185 -11.61 8.03 8.53
N ARG A 186 -11.37 9.33 8.54
CA ARG A 186 -10.04 9.87 8.91
C ARG A 186 -9.54 9.43 10.30
N LEU A 187 -10.43 9.39 11.29
CA LEU A 187 -10.14 8.79 12.61
C LEU A 187 -9.37 7.46 12.52
N SER A 188 -9.73 6.61 11.57
CA SER A 188 -9.07 5.30 11.45
C SER A 188 -7.59 5.44 11.14
N ARG A 189 -7.20 6.58 10.54
CA ARG A 189 -5.80 6.75 10.13
C ARG A 189 -4.90 6.97 11.34
N PHE A 190 -5.48 7.36 12.46
CA PHE A 190 -4.70 7.54 13.69
C PHE A 190 -4.94 6.40 14.69
N ALA A 191 -5.67 5.38 14.26
CA ALA A 191 -6.09 4.27 15.15
C ALA A 191 -5.21 3.02 15.03
N GLY A 192 -4.08 3.11 14.33
CA GLY A 192 -3.32 1.91 13.99
C GLY A 192 -2.85 1.13 15.21
N ASP A 193 -2.48 1.85 16.28
CA ASP A 193 -2.00 1.19 17.48
C ASP A 193 -3.13 0.42 18.18
N VAL A 194 -4.33 0.99 18.18
CA VAL A 194 -5.47 0.34 18.82
C VAL A 194 -5.92 -0.84 17.97
N ILE A 195 -6.07 -0.60 16.66
CA ILE A 195 -6.63 -1.63 15.78
C ILE A 195 -5.67 -2.72 15.30
N GLY A 196 -4.36 -2.48 15.38
CA GLY A 196 -3.38 -3.48 14.94
C GLY A 196 -2.92 -3.27 13.50
N SER A 197 -3.06 -2.04 12.98
CA SER A 197 -2.53 -1.66 11.66
C SER A 197 -1.19 -0.91 11.84
N SER A 198 -0.11 -1.49 11.34
CA SER A 198 1.24 -0.99 11.68
C SER A 198 1.95 -0.28 10.51
N TRP A 199 1.48 -0.48 9.28
CA TRP A 199 2.01 0.23 8.12
C TRP A 199 1.09 1.40 7.81
N THR A 200 1.66 2.59 7.79
CA THR A 200 0.91 3.83 7.69
C THR A 200 1.35 4.56 6.42
N TYR A 201 0.42 4.70 5.47
CA TYR A 201 0.75 5.34 4.20
C TYR A 201 0.43 6.84 4.30
N VAL A 202 1.44 7.68 4.08
CA VAL A 202 1.27 9.11 4.32
C VAL A 202 1.60 9.88 3.06
N SER A 203 1.37 11.19 3.10
N SER A 203 1.34 11.18 3.10
CA SER A 203 1.83 12.10 2.06
CA SER A 203 1.82 12.11 2.08
C SER A 203 2.88 13.04 2.63
C SER A 203 2.93 13.00 2.64
N LEU A 204 3.69 13.62 1.76
CA LEU A 204 4.73 14.59 2.19
C LEU A 204 4.43 15.99 1.67
N GLY A 211 -9.44 12.74 3.15
CA GLY A 211 -8.96 11.68 4.03
C GLY A 211 -7.46 11.59 4.28
N GLN A 212 -6.67 11.64 3.19
CA GLN A 212 -5.21 11.46 3.25
CA GLN A 212 -5.22 11.46 3.24
C GLN A 212 -4.52 12.42 4.21
N VAL A 213 -3.47 11.92 4.87
CA VAL A 213 -2.78 12.65 5.93
C VAL A 213 -1.29 12.78 5.64
N THR A 214 -0.71 13.93 5.98
CA THR A 214 0.72 14.16 5.75
C THR A 214 1.56 13.61 6.88
N LEU A 215 2.87 13.49 6.65
CA LEU A 215 3.74 13.02 7.74
C LEU A 215 3.65 13.98 8.93
N ASN A 216 3.58 15.28 8.66
N ASN A 216 3.60 15.27 8.64
CA ASN A 216 3.51 16.28 9.74
CA ASN A 216 3.47 16.32 9.64
C ASN A 216 2.30 16.10 10.66
C ASN A 216 2.31 16.08 10.63
N ASP A 217 1.11 15.91 10.07
CA ASP A 217 -0.10 15.66 10.85
C ASP A 217 -0.02 14.34 11.62
N MSE A 218 0.55 13.32 10.97
CA MSE A 218 0.75 12.02 11.61
C MSE A 218 1.57 12.20 12.89
O MSE A 218 1.08 11.90 13.99
CB MSE A 218 1.41 11.03 10.63
CG MSE A 218 1.33 9.56 11.03
SE MSE A 218 -0.50 8.92 11.41
CE MSE A 218 -1.34 9.37 9.72
N LYS A 219 2.78 12.73 12.75
CA LYS A 219 3.70 13.02 13.88
C LYS A 219 3.00 13.70 15.06
N ARG A 220 2.22 14.73 14.74
CA ARG A 220 1.47 15.52 15.70
C ARG A 220 0.42 14.67 16.43
N ILE A 221 -0.19 13.74 15.72
CA ILE A 221 -1.18 12.84 16.32
C ILE A 221 -0.50 11.76 17.14
N ILE A 222 0.54 11.14 16.57
CA ILE A 222 1.33 10.15 17.32
C ILE A 222 1.85 10.76 18.62
N GLU A 223 2.17 12.06 18.57
CA GLU A 223 2.59 12.78 19.78
C GLU A 223 1.55 12.66 20.89
N VAL A 224 0.33 13.10 20.59
CA VAL A 224 -0.78 13.11 21.56
C VAL A 224 -1.17 11.70 22.04
N LEU A 225 -1.19 10.73 21.14
CA LEU A 225 -1.47 9.33 21.49
C LEU A 225 -0.27 8.58 22.10
N GLU A 226 0.93 9.14 21.89
CA GLU A 226 2.21 8.48 22.20
C GLU A 226 2.43 7.23 21.35
MG MG B . 15.21 -11.96 -6.67
C1 EDO C . -3.37 -19.67 -3.85
O1 EDO C . -4.64 -19.05 -3.96
C2 EDO C . -3.41 -20.74 -2.77
O2 EDO C . -2.51 -20.35 -1.73
C1 EDO D . 4.96 -17.53 -0.30
O1 EDO D . 6.00 -17.80 0.65
C2 EDO D . 3.65 -17.24 0.44
O2 EDO D . 3.90 -17.20 1.85
C1 EDO E . -10.14 9.51 -0.42
O1 EDO E . -9.05 9.02 -1.23
C2 EDO E . -9.59 10.15 0.85
O2 EDO E . -8.97 9.17 1.69
C1 EDO F . -14.66 -7.70 -0.85
O1 EDO F . -15.86 -7.22 -1.47
C2 EDO F . -13.72 -8.11 -1.98
O2 EDO F . -14.35 -9.16 -2.73
#